data_1C4U
#
_entry.id   1C4U
#
_cell.length_a   71.510
_cell.length_b   72.020
_cell.length_c   72.910
_cell.angle_alpha   90.00
_cell.angle_beta   100.80
_cell.angle_gamma   90.00
#
_symmetry.space_group_name_H-M   'C 1 2 1'
#
loop_
_entity.id
_entity.type
_entity.pdbx_description
1 polymer thrombin
2 polymer thrombin
3 polymer 'PROTEIN (HIRUGEN)'
4 non-polymer 'SODIUM ION'
5 non-polymer '2-[2-(4-BROMO-BENZENESULFONYL)-ETHYL]-1-3-DIOXO-2,3,5,8-TETRAHYDRO-1H-[1,2,4]TRIAZOLO[1,2-A]PYRIDAZINE-5-CARBOXYLIC ACID(4-CARBAMIMIDOYL-CYCLOHEXYLMETHYL)-AMIDE'
6 water water
#
loop_
_entity_poly.entity_id
_entity_poly.type
_entity_poly.pdbx_seq_one_letter_code
_entity_poly.pdbx_strand_id
1 'polypeptide(L)' TFGSGEADCGLRPLFEKKSLEDKTERELLESYIDGR 1
2 'polypeptide(L)'
;IVEGSDAEIGMSPWQVMLFRKSPQELLCGASLISDRWVLTAAHCLLYPPWDKNFTENDLLVRIGKHSRTRYERNIEKISM
LEKIYIHPRYNWRENLDRDIALMKLKKPVAFSDYIHPVCLPDRETAASLLQAGYKGRVTGWGNLKETWTANVGKGQPSVL
QVVNLPIVERPVCKDSTRIRITDNMFCAGYKPDEGKRGDACEGDSGGPFVMKSPFNNRWYQMGIVSWGEGCDRDGKYGFY
THVFRLKKWIQKVIDQFGE
;
2
3 'polypeptide(L)' ACENEDFEGIPGE(TYS) 3
#
# COMPACT_ATOMS: atom_id res chain seq x y z
N SER A 4 -13.41 6.83 7.66
CA SER A 4 -12.34 7.14 8.61
C SER A 4 -11.27 8.03 8.05
N GLY A 5 -10.16 7.45 7.58
CA GLY A 5 -8.98 8.09 7.08
C GLY A 5 -9.03 9.11 5.95
N GLU A 6 -10.03 9.99 6.01
CA GLU A 6 -10.23 11.10 5.08
C GLU A 6 -11.50 11.88 5.41
N ALA A 7 -12.61 11.63 4.77
CA ALA A 7 -13.89 12.35 5.01
C ALA A 7 -14.84 11.98 3.86
N ASP A 8 -14.20 12.10 2.70
CA ASP A 8 -14.79 11.70 1.40
C ASP A 8 -14.06 10.42 0.90
N CYS A 9 -13.12 10.08 1.77
CA CYS A 9 -12.21 8.96 1.69
C CYS A 9 -12.94 7.63 1.37
N GLY A 10 -12.22 6.82 0.62
CA GLY A 10 -12.63 5.49 0.26
C GLY A 10 -13.75 5.36 -0.73
N LEU A 11 -14.28 6.46 -1.24
CA LEU A 11 -15.41 6.38 -2.25
C LEU A 11 -14.76 6.87 -3.57
N ARG A 12 -14.60 5.94 -4.48
CA ARG A 12 -13.96 6.07 -5.77
C ARG A 12 -14.88 6.75 -6.79
N PRO A 13 -14.37 7.90 -7.27
CA PRO A 13 -15.11 8.71 -8.27
C PRO A 13 -15.61 7.85 -9.43
N LEU A 14 -14.81 6.91 -9.93
CA LEU A 14 -15.26 6.14 -11.07
C LEU A 14 -16.12 4.96 -10.78
N PHE A 15 -16.09 4.52 -9.52
CA PHE A 15 -16.90 3.32 -9.24
C PHE A 15 -18.07 3.62 -8.33
N GLU A 16 -17.77 3.61 -7.01
CA GLU A 16 -18.80 3.83 -5.98
C GLU A 16 -19.60 5.11 -6.22
N LYS A 17 -18.93 6.21 -6.46
CA LYS A 17 -19.64 7.48 -6.74
C LYS A 17 -20.61 7.30 -7.91
N LYS A 18 -20.43 6.36 -8.81
CA LYS A 18 -21.29 6.21 -9.97
C LYS A 18 -22.05 4.92 -9.82
N SER A 19 -21.89 4.28 -8.65
CA SER A 19 -22.61 3.03 -8.43
C SER A 19 -22.16 1.92 -9.36
N LEU A 20 -20.90 1.93 -9.79
CA LEU A 20 -20.41 0.88 -10.62
C LEU A 20 -19.39 0.05 -9.84
N GLU A 21 -19.32 -1.20 -10.06
CA GLU A 21 -18.43 -2.15 -9.45
C GLU A 21 -17.18 -2.54 -10.27
N ASP A 22 -16.03 -2.73 -9.67
CA ASP A 22 -14.84 -3.12 -10.35
C ASP A 22 -15.04 -4.65 -10.47
N LYS A 23 -14.25 -5.13 -11.44
CA LYS A 23 -14.38 -6.50 -11.82
C LYS A 23 -14.12 -7.51 -10.74
N THR A 24 -13.38 -7.27 -9.68
CA THR A 24 -13.17 -8.40 -8.74
C THR A 24 -13.61 -7.98 -7.36
N GLU A 25 -14.20 -6.83 -7.16
CA GLU A 25 -14.61 -6.48 -5.77
C GLU A 25 -15.56 -7.48 -5.16
N ARG A 26 -16.34 -8.23 -5.89
CA ARG A 26 -17.25 -9.24 -5.34
C ARG A 26 -16.57 -10.38 -4.62
N GLU A 27 -15.31 -10.68 -4.94
CA GLU A 27 -14.60 -11.79 -4.26
C GLU A 27 -14.31 -11.35 -2.84
N LEU A 28 -13.87 -10.12 -2.65
CA LEU A 28 -13.61 -9.52 -1.36
C LEU A 28 -14.89 -9.62 -0.50
N LEU A 29 -15.91 -9.00 -1.08
CA LEU A 29 -17.22 -8.89 -0.46
C LEU A 29 -17.80 -10.27 -0.13
N GLU A 30 -17.41 -11.24 -0.95
CA GLU A 30 -17.90 -12.58 -0.73
C GLU A 30 -17.14 -13.35 0.36
N SER A 31 -16.03 -12.88 0.87
CA SER A 31 -15.28 -13.55 1.90
C SER A 31 -15.75 -13.05 3.30
N TYR A 32 -16.27 -11.85 3.23
CA TYR A 32 -16.73 -11.10 4.40
C TYR A 32 -17.95 -11.91 4.79
N ILE A 33 -17.41 -13.06 5.08
CA ILE A 33 -18.06 -14.29 5.54
C ILE A 33 -19.51 -14.63 5.21
N ILE B 1 3.60 -7.35 -8.05
CA ILE B 1 2.55 -8.31 -7.85
C ILE B 1 2.80 -9.58 -8.71
N VAL B 2 2.66 -10.76 -8.13
CA VAL B 2 2.82 -12.08 -8.74
C VAL B 2 1.46 -12.79 -8.79
N GLU B 3 1.07 -13.15 -9.98
CA GLU B 3 -0.19 -13.77 -10.35
C GLU B 3 -1.40 -12.87 -10.25
N GLY B 4 -1.34 -11.59 -10.46
CA GLY B 4 -2.44 -10.64 -10.38
C GLY B 4 -2.93 -10.30 -11.78
N SER B 5 -3.66 -9.20 -11.92
CA SER B 5 -4.16 -8.71 -13.21
C SER B 5 -3.92 -7.22 -13.17
N ASP B 6 -4.03 -6.57 -14.33
CA ASP B 6 -3.83 -5.12 -14.44
C ASP B 6 -4.96 -4.40 -13.72
N ALA B 7 -4.71 -3.30 -13.11
CA ALA B 7 -5.76 -2.52 -12.49
C ALA B 7 -6.63 -1.84 -13.56
N GLU B 8 -7.90 -1.72 -13.19
CA GLU B 8 -8.94 -1.06 -14.00
C GLU B 8 -8.61 0.41 -13.90
N ILE B 9 -8.96 1.27 -14.89
CA ILE B 9 -8.53 2.67 -14.71
C ILE B 9 -9.43 3.21 -13.55
N GLY B 10 -8.84 3.98 -12.67
CA GLY B 10 -9.45 4.56 -11.50
C GLY B 10 -9.76 3.72 -10.30
N MET B 11 -9.38 2.47 -10.35
CA MET B 11 -9.60 1.41 -9.34
C MET B 11 -9.00 1.56 -7.94
N SER B 12 -7.84 2.18 -7.86
CA SER B 12 -7.03 2.46 -6.69
C SER B 12 -6.41 3.84 -6.81
N PRO B 13 -7.31 4.79 -6.61
CA PRO B 13 -6.99 6.20 -6.75
C PRO B 13 -6.12 6.66 -5.63
N TRP B 14 -5.88 5.85 -4.61
CA TRP B 14 -4.96 6.36 -3.52
C TRP B 14 -3.57 5.79 -3.78
N GLN B 15 -3.38 4.94 -4.84
CA GLN B 15 -1.99 4.44 -5.14
C GLN B 15 -1.02 5.58 -5.43
N VAL B 16 0.19 5.50 -4.90
CA VAL B 16 1.22 6.49 -5.10
C VAL B 16 2.52 5.86 -5.54
N MET B 17 3.24 6.51 -6.45
CA MET B 17 4.53 5.95 -6.89
C MET B 17 5.58 6.75 -6.10
N LEU B 18 6.47 6.02 -5.47
CA LEU B 18 7.60 6.63 -4.76
C LEU B 18 8.70 6.60 -5.88
N PHE B 19 9.05 7.83 -6.24
CA PHE B 19 10.02 7.93 -7.37
C PHE B 19 11.25 8.77 -7.05
N ARG B 20 12.42 8.21 -7.32
CA ARG B 20 13.72 8.86 -7.12
C ARG B 20 14.20 9.58 -8.37
N LYS B 21 14.71 10.70 -7.97
CA LYS B 21 15.28 11.77 -8.75
C LYS B 21 16.44 11.31 -9.61
N SER B 22 17.37 10.49 -9.18
CA SER B 22 18.47 10.12 -10.06
C SER B 22 19.33 9.02 -9.48
N PRO B 23 19.39 7.86 -10.12
CA PRO B 23 18.69 7.51 -11.35
C PRO B 23 17.17 7.59 -11.23
N GLN B 24 16.51 8.27 -12.14
CA GLN B 24 15.03 8.37 -12.17
C GLN B 24 14.49 6.96 -11.86
N GLU B 25 14.15 6.55 -10.64
CA GLU B 25 13.69 5.14 -10.56
C GLU B 25 12.53 4.93 -9.62
N LEU B 26 11.80 3.87 -9.83
CA LEU B 26 10.65 3.49 -9.01
C LEU B 26 11.34 2.94 -7.72
N LEU B 27 10.86 3.46 -6.62
CA LEU B 27 11.52 3.04 -5.34
C LEU B 27 10.52 2.22 -4.56
N CYS B 28 9.27 2.61 -4.53
CA CYS B 28 8.25 1.85 -3.77
C CYS B 28 6.85 2.28 -4.15
N GLY B 29 5.82 1.71 -3.62
CA GLY B 29 4.40 2.01 -3.72
C GLY B 29 4.12 2.84 -2.44
N ALA B 30 2.87 3.26 -2.33
CA ALA B 30 2.46 4.17 -1.28
C ALA B 30 0.98 4.49 -1.41
N SER B 31 0.43 5.29 -0.50
CA SER B 31 -1.01 5.71 -0.52
C SER B 31 -1.27 7.10 -0.04
N LEU B 32 -2.27 7.78 -0.54
CA LEU B 32 -2.62 9.16 -0.26
C LEU B 32 -3.71 9.08 0.82
N ILE B 33 -3.57 9.65 2.00
CA ILE B 33 -4.56 9.49 3.10
C ILE B 33 -5.34 10.77 3.30
N SER B 34 -4.90 11.82 2.69
CA SER B 34 -5.50 13.14 2.61
C SER B 34 -4.94 13.91 1.41
N ASP B 35 -4.94 15.23 1.41
CA ASP B 35 -4.44 15.97 0.25
C ASP B 35 -3.03 16.40 0.61
N ARG B 36 -2.44 16.07 1.71
CA ARG B 36 -1.03 16.59 1.85
C ARG B 36 -0.19 15.45 2.45
N TRP B 37 -0.86 14.33 2.74
CA TRP B 37 -0.21 13.20 3.38
C TRP B 37 -0.27 11.88 2.58
N VAL B 38 0.93 11.29 2.58
CA VAL B 38 1.13 9.97 1.97
C VAL B 38 1.68 9.00 3.02
N LEU B 39 1.29 7.76 3.08
CA LEU B 39 1.79 6.72 3.96
C LEU B 39 2.47 5.64 3.11
N THR B 40 3.62 5.19 3.57
CA THR B 40 4.40 4.10 3.01
C THR B 40 5.05 3.34 4.18
N ALA B 41 5.94 2.44 3.91
CA ALA B 41 6.78 1.58 4.73
C ALA B 41 8.09 2.33 5.02
N ALA B 42 8.57 2.27 6.28
CA ALA B 42 9.84 3.00 6.50
C ALA B 42 10.97 2.20 5.83
N HIS B 43 10.80 0.92 5.48
CA HIS B 43 11.97 0.29 4.84
C HIS B 43 12.34 0.98 3.50
N CYS B 44 11.40 1.69 2.94
CA CYS B 44 11.46 2.42 1.70
C CYS B 44 12.47 3.55 1.86
N LEU B 45 12.45 4.30 2.97
CA LEU B 45 13.38 5.38 3.22
C LEU B 45 14.65 5.02 3.93
N LEU B 46 14.58 4.15 4.96
CA LEU B 46 15.67 3.75 5.80
C LEU B 46 15.86 2.23 5.96
N TYR B 47 17.02 1.83 5.49
CA TYR B 47 17.42 0.41 5.60
C TYR B 47 18.95 0.30 5.53
N PRO B 48 19.57 0.64 6.67
CA PRO B 48 21.04 0.68 6.81
C PRO B 48 21.79 -0.48 6.30
N PRO B 49 21.43 -1.68 6.58
CA PRO B 49 22.15 -2.86 6.11
C PRO B 49 22.30 -2.71 4.61
N TRP B 50 21.27 -2.13 4.00
CA TRP B 50 21.38 -1.96 2.54
C TRP B 50 21.90 -0.56 2.26
N ASP B 51 22.42 0.12 3.26
CA ASP B 51 22.91 1.48 2.94
C ASP B 51 21.83 2.45 2.41
N LYS B 52 20.57 2.21 2.67
CA LYS B 52 19.40 2.99 2.26
C LYS B 52 19.00 4.06 3.28
N ASN B 53 19.10 5.32 2.85
CA ASN B 53 18.72 6.45 3.71
C ASN B 53 18.48 7.67 2.84
N PHE B 54 17.25 7.73 2.43
CA PHE B 54 16.67 8.74 1.53
C PHE B 54 16.10 9.93 2.27
N THR B 55 16.30 11.07 1.64
CA THR B 55 15.75 12.30 2.24
C THR B 55 14.69 12.86 1.29
N GLU B 56 14.04 13.86 1.86
CA GLU B 56 12.92 14.57 1.23
C GLU B 56 13.35 15.02 -0.17
N ASN B 57 14.62 15.37 -0.22
CA ASN B 57 15.18 15.90 -1.47
C ASN B 57 15.64 14.86 -2.49
N ASP B 58 15.54 13.60 -2.14
CA ASP B 58 15.92 12.53 -3.06
C ASP B 58 14.79 11.96 -3.94
N LEU B 59 13.59 12.44 -3.59
CA LEU B 59 12.42 11.88 -4.24
C LEU B 59 11.22 12.75 -4.58
N LEU B 60 10.39 12.05 -5.33
CA LEU B 60 9.12 12.58 -5.78
C LEU B 60 8.10 11.43 -5.60
N VAL B 61 6.95 12.07 -5.40
CA VAL B 61 5.68 11.39 -5.31
C VAL B 61 4.87 11.82 -6.56
N ARG B 62 4.51 10.78 -7.27
CA ARG B 62 3.68 10.56 -8.45
C ARG B 62 2.44 9.78 -8.03
N ILE B 63 1.30 10.46 -8.13
CA ILE B 63 -0.08 10.12 -7.80
C ILE B 63 -1.02 10.18 -9.00
N GLY B 64 -1.90 9.27 -9.33
CA GLY B 64 -2.77 9.43 -10.54
C GLY B 64 -2.38 8.54 -11.72
N LYS B 65 -1.29 7.77 -11.59
CA LYS B 65 -0.73 6.85 -12.51
C LYS B 65 -1.44 5.54 -12.68
N HIS B 66 -1.23 4.94 -13.84
CA HIS B 66 -1.73 3.63 -14.29
C HIS B 66 -0.50 3.03 -14.92
N SER B 67 0.11 3.89 -15.77
CA SER B 67 1.33 3.39 -16.43
C SER B 67 2.50 3.66 -15.44
N ARG B 68 3.28 2.56 -15.44
CA ARG B 68 4.53 2.51 -14.66
C ARG B 68 5.62 3.47 -15.13
N THR B 69 5.89 3.58 -16.43
CA THR B 69 7.00 4.38 -16.95
C THR B 69 6.70 5.68 -17.65
N ARG B 70 5.62 5.67 -18.41
CA ARG B 70 5.21 6.88 -19.12
C ARG B 70 4.87 7.95 -18.08
N TYR B 71 4.93 9.22 -18.54
CA TYR B 71 4.57 10.39 -17.74
C TYR B 71 3.12 10.69 -18.11
N GLU B 72 2.10 10.48 -17.36
CA GLU B 72 0.67 10.70 -17.62
C GLU B 72 0.10 12.09 -17.54
N ARG B 73 0.55 12.81 -18.60
CA ARG B 73 0.45 14.18 -19.01
C ARG B 73 -0.67 14.94 -18.35
N ASN B 74 -1.91 14.65 -18.60
CA ASN B 74 -2.89 15.52 -17.90
C ASN B 74 -3.60 14.71 -16.79
N ILE B 75 -3.00 13.60 -16.47
CA ILE B 75 -3.58 12.65 -15.50
C ILE B 75 -2.78 12.53 -14.21
N GLU B 76 -1.50 12.29 -14.26
CA GLU B 76 -0.71 12.20 -13.00
C GLU B 76 -0.23 13.51 -12.46
N LYS B 77 -0.12 13.63 -11.14
CA LYS B 77 0.35 14.85 -10.41
C LYS B 77 1.64 14.49 -9.66
N ILE B 78 2.66 15.30 -9.71
CA ILE B 78 3.95 15.16 -9.13
C ILE B 78 4.19 16.16 -8.02
N SER B 79 4.53 15.51 -6.88
CA SER B 79 4.82 16.32 -5.66
C SER B 79 6.21 15.98 -5.12
N MET B 80 6.63 17.05 -4.50
CA MET B 80 7.92 17.24 -3.83
C MET B 80 7.57 17.05 -2.35
N LEU B 81 8.53 16.47 -1.66
CA LEU B 81 8.28 16.16 -0.23
C LEU B 81 8.72 17.26 0.70
N GLU B 82 7.79 17.67 1.52
CA GLU B 82 8.02 18.69 2.53
C GLU B 82 8.83 18.19 3.75
N LYS B 83 8.41 17.03 4.25
CA LYS B 83 9.07 16.39 5.42
C LYS B 83 8.71 14.92 5.48
N ILE B 84 9.61 14.10 5.97
CA ILE B 84 9.46 12.67 6.18
C ILE B 84 9.58 12.40 7.70
N TYR B 85 8.67 11.52 8.10
CA TYR B 85 8.55 11.05 9.47
C TYR B 85 8.48 9.52 9.58
N ILE B 86 9.55 8.94 10.15
CA ILE B 86 9.58 7.48 10.38
C ILE B 86 9.12 7.10 11.78
N HIS B 87 8.43 6.03 11.97
CA HIS B 87 8.07 5.66 13.38
C HIS B 87 9.32 5.66 14.22
N PRO B 88 9.35 6.25 15.40
CA PRO B 88 10.56 6.20 16.26
C PRO B 88 10.90 4.78 16.68
N ARG B 89 10.09 3.76 16.66
CA ARG B 89 10.33 2.38 17.03
C ARG B 89 10.38 1.38 15.89
N TYR B 90 10.41 1.76 14.65
CA TYR B 90 10.85 1.01 13.47
C TYR B 90 12.08 0.16 13.83
N ASN B 91 11.92 -1.15 13.79
CA ASN B 91 13.01 -2.07 14.14
C ASN B 91 13.58 -2.75 12.89
N TRP B 92 14.47 -2.03 12.25
CA TRP B 92 15.13 -2.53 11.04
C TRP B 92 16.21 -3.54 11.40
N ARG B 93 16.57 -3.54 12.65
CA ARG B 93 17.64 -4.41 13.13
C ARG B 93 17.22 -5.90 13.22
N GLU B 94 15.92 -6.22 13.28
CA GLU B 94 15.60 -7.67 13.43
C GLU B 94 14.39 -8.16 12.60
N ASN B 95 13.22 -7.55 12.75
CA ASN B 95 12.04 -8.07 12.03
C ASN B 95 11.22 -6.97 11.35
N LEU B 96 11.82 -5.81 11.23
CA LEU B 96 11.16 -4.66 10.58
C LEU B 96 9.88 -4.31 11.36
N ASP B 97 9.57 -4.43 12.61
CA ASP B 97 8.33 -4.10 13.32
C ASP B 97 8.21 -2.56 13.29
N ARG B 98 6.99 -2.11 13.18
CA ARG B 98 6.72 -0.64 13.09
C ARG B 98 7.26 -0.06 11.75
N ASP B 99 7.03 -0.85 10.72
CA ASP B 99 7.55 -0.38 9.34
C ASP B 99 6.55 0.62 8.76
N ILE B 100 6.57 1.86 9.04
CA ILE B 100 5.56 2.83 8.56
C ILE B 100 6.28 4.15 8.56
N ALA B 101 5.94 5.05 7.67
CA ALA B 101 6.61 6.36 7.54
C ALA B 101 5.48 7.15 6.91
N LEU B 102 5.46 8.41 7.31
CA LEU B 102 4.57 9.47 6.80
C LEU B 102 5.43 10.48 5.97
N MET B 103 4.77 10.98 4.91
CA MET B 103 5.49 11.99 4.09
C MET B 103 4.46 13.11 3.96
N LYS B 104 4.92 14.33 4.16
CA LYS B 104 4.00 15.47 4.06
C LYS B 104 4.54 16.29 2.88
N LEU B 105 3.54 16.44 2.03
CA LEU B 105 3.68 17.17 0.77
C LEU B 105 3.88 18.68 0.90
N LYS B 106 4.70 19.24 0.04
CA LYS B 106 4.99 20.65 -0.08
C LYS B 106 3.70 21.38 -0.35
N LYS B 107 2.74 20.88 -1.10
CA LYS B 107 1.43 21.55 -1.24
C LYS B 107 0.40 20.44 -1.52
N PRO B 108 -0.82 20.70 -1.10
CA PRO B 108 -1.91 19.71 -1.23
C PRO B 108 -2.27 19.51 -2.69
N VAL B 109 -2.53 18.29 -3.02
CA VAL B 109 -2.92 17.77 -4.32
C VAL B 109 -4.44 17.91 -4.41
N ALA B 110 -4.87 18.15 -5.65
CA ALA B 110 -6.34 18.28 -5.90
C ALA B 110 -6.85 16.91 -6.29
N PHE B 111 -8.07 16.61 -5.90
CA PHE B 111 -8.61 15.26 -6.16
C PHE B 111 -9.09 15.26 -7.58
N SER B 112 -9.42 14.07 -8.04
CA SER B 112 -9.92 14.04 -9.48
C SER B 112 -10.43 12.63 -9.46
N ASP B 113 -10.73 12.13 -10.62
CA ASP B 113 -11.25 10.78 -10.77
C ASP B 113 -10.17 9.73 -10.62
N TYR B 114 -8.98 10.14 -10.62
CA TYR B 114 -7.87 9.18 -10.60
C TYR B 114 -7.03 9.44 -9.34
N ILE B 115 -7.35 10.49 -8.63
CA ILE B 115 -6.65 10.87 -7.34
C ILE B 115 -7.65 11.08 -6.23
N HIS B 116 -7.66 10.15 -5.27
CA HIS B 116 -8.59 10.13 -4.15
C HIS B 116 -7.98 9.26 -3.00
N PRO B 117 -8.09 9.84 -1.78
CA PRO B 117 -7.59 9.28 -0.56
C PRO B 117 -8.34 8.05 -0.04
N VAL B 118 -7.61 7.07 0.50
CA VAL B 118 -8.13 5.90 1.16
C VAL B 118 -8.51 6.28 2.62
N CYS B 119 -9.46 5.58 3.24
CA CYS B 119 -9.85 5.85 4.66
C CYS B 119 -8.88 5.10 5.56
N LEU B 120 -8.64 5.54 6.74
CA LEU B 120 -7.84 4.95 7.83
C LEU B 120 -8.90 4.29 8.70
N PRO B 121 -8.66 3.03 9.10
CA PRO B 121 -9.64 2.29 9.88
C PRO B 121 -9.93 2.78 11.28
N ASP B 122 -11.14 2.57 11.78
CA ASP B 122 -11.37 2.90 13.18
C ASP B 122 -11.27 1.50 13.88
N ARG B 123 -11.34 1.61 15.23
CA ARG B 123 -11.32 0.39 16.02
C ARG B 123 -12.40 -0.60 15.62
N GLU B 124 -13.61 -0.24 15.29
CA GLU B 124 -14.59 -1.25 14.92
C GLU B 124 -14.47 -1.92 13.57
N THR B 125 -13.94 -1.17 12.59
CA THR B 125 -13.69 -1.65 11.26
C THR B 125 -12.55 -2.66 11.42
N ALA B 126 -11.48 -2.22 12.03
CA ALA B 126 -10.28 -3.11 12.23
C ALA B 126 -10.84 -4.39 12.82
N ALA B 127 -11.74 -4.18 13.77
CA ALA B 127 -12.37 -5.30 14.51
C ALA B 127 -13.20 -6.25 13.74
N SER B 128 -14.05 -5.90 12.81
CA SER B 128 -14.87 -6.86 12.02
C SER B 128 -14.26 -7.51 10.78
N LEU B 129 -13.30 -6.76 10.21
CA LEU B 129 -12.79 -7.24 8.93
C LEU B 129 -11.51 -8.05 9.01
N LEU B 130 -10.70 -7.53 9.92
CA LEU B 130 -9.36 -8.20 10.00
C LEU B 130 -9.61 -9.57 10.62
N GLN B 131 -10.09 -10.50 9.83
CA GLN B 131 -10.39 -11.89 10.10
C GLN B 131 -9.91 -12.91 9.07
N ALA B 132 -9.25 -13.98 9.57
CA ALA B 132 -8.65 -15.09 8.82
C ALA B 132 -9.72 -15.48 7.80
N GLY B 133 -9.33 -15.54 6.52
CA GLY B 133 -10.19 -15.91 5.41
C GLY B 133 -10.84 -14.74 4.67
N TYR B 134 -10.81 -13.60 5.37
CA TYR B 134 -11.36 -12.40 4.62
C TYR B 134 -10.26 -11.98 3.64
N LYS B 135 -10.68 -11.53 2.48
CA LYS B 135 -9.72 -11.09 1.44
C LYS B 135 -9.62 -9.55 1.43
N GLY B 136 -8.45 -9.04 1.26
CA GLY B 136 -8.08 -7.69 1.09
C GLY B 136 -7.38 -7.70 -0.36
N ARG B 137 -6.99 -6.50 -0.79
CA ARG B 137 -6.42 -6.27 -2.08
C ARG B 137 -5.15 -5.46 -2.05
N VAL B 138 -4.18 -6.05 -2.75
CA VAL B 138 -2.88 -5.38 -2.81
C VAL B 138 -2.63 -4.86 -4.23
N THR B 139 -1.97 -3.74 -4.35
CA THR B 139 -1.59 -3.15 -5.65
C THR B 139 -0.18 -2.62 -5.69
N GLY B 140 0.47 -2.46 -6.87
CA GLY B 140 1.84 -2.01 -7.02
C GLY B 140 2.28 -2.27 -8.51
N TRP B 141 3.38 -1.73 -8.87
CA TRP B 141 4.06 -1.75 -10.17
C TRP B 141 5.19 -2.73 -10.11
N GLY B 142 5.26 -3.44 -9.00
CA GLY B 142 6.29 -4.39 -8.65
C GLY B 142 6.53 -5.62 -9.51
N ASN B 143 7.57 -6.39 -9.14
CA ASN B 143 7.94 -7.58 -9.90
C ASN B 143 6.72 -8.50 -10.10
N LEU B 144 6.70 -9.19 -11.21
CA LEU B 144 5.64 -10.14 -11.62
C LEU B 144 6.06 -11.57 -11.24
N LYS B 145 7.37 -11.59 -11.01
CA LYS B 145 7.95 -12.90 -10.66
C LYS B 145 9.13 -12.62 -9.72
N GLU B 146 9.37 -13.59 -8.84
CA GLU B 146 10.39 -13.47 -7.79
C GLU B 146 11.77 -13.33 -8.40
N THR B 147 11.90 -14.11 -9.48
CA THR B 147 13.17 -14.01 -10.23
C THR B 147 13.17 -14.70 -11.55
N GLY B 155 8.79 -9.52 -16.44
CA GLY B 155 9.45 -9.19 -15.14
C GLY B 155 8.73 -8.01 -14.48
N GLN B 156 8.62 -6.97 -15.28
CA GLN B 156 7.96 -5.71 -14.94
C GLN B 156 6.73 -5.46 -15.80
N PRO B 157 5.66 -5.11 -15.11
CA PRO B 157 4.37 -4.82 -15.78
C PRO B 157 4.52 -3.47 -16.48
N SER B 158 3.55 -3.22 -17.33
CA SER B 158 3.55 -1.88 -17.99
C SER B 158 2.65 -0.94 -17.18
N VAL B 159 1.59 -1.46 -16.61
CA VAL B 159 0.55 -0.81 -15.84
C VAL B 159 0.36 -1.50 -14.44
N LEU B 160 -0.44 -0.82 -13.63
CA LEU B 160 -0.74 -1.30 -12.24
C LEU B 160 -1.40 -2.65 -12.12
N GLN B 161 -0.80 -3.49 -11.24
CA GLN B 161 -1.33 -4.84 -10.94
C GLN B 161 -2.10 -4.87 -9.56
N VAL B 162 -2.97 -5.82 -9.46
CA VAL B 162 -3.85 -6.01 -8.35
C VAL B 162 -3.98 -7.49 -8.15
N VAL B 163 -4.13 -7.91 -6.95
CA VAL B 163 -4.37 -9.30 -6.48
C VAL B 163 -5.18 -9.15 -5.18
N ASN B 164 -6.14 -10.00 -4.98
CA ASN B 164 -7.05 -10.21 -3.81
C ASN B 164 -6.61 -11.43 -2.95
N LEU B 165 -6.10 -11.21 -1.79
CA LEU B 165 -5.53 -12.25 -0.87
C LEU B 165 -6.21 -12.34 0.49
N PRO B 166 -6.25 -13.56 0.92
CA PRO B 166 -6.89 -13.89 2.21
C PRO B 166 -5.93 -13.69 3.38
N ILE B 167 -6.58 -13.21 4.42
CA ILE B 167 -5.91 -12.98 5.72
C ILE B 167 -5.81 -14.38 6.36
N VAL B 168 -4.61 -14.79 6.69
CA VAL B 168 -4.30 -16.15 7.27
C VAL B 168 -4.24 -16.11 8.83
N GLU B 169 -4.52 -17.19 9.50
CA GLU B 169 -4.54 -17.29 10.98
C GLU B 169 -3.11 -17.08 11.49
N ARG B 170 -2.86 -16.33 12.52
CA ARG B 170 -1.58 -16.03 13.14
C ARG B 170 -0.61 -17.21 13.28
N PRO B 171 -1.04 -18.27 13.94
CA PRO B 171 -0.18 -19.44 14.15
C PRO B 171 0.60 -19.80 12.88
N VAL B 172 -0.21 -19.95 11.84
CA VAL B 172 0.11 -20.31 10.48
C VAL B 172 1.27 -19.37 10.08
N CYS B 173 0.97 -18.07 10.13
CA CYS B 173 1.95 -17.02 9.83
C CYS B 173 3.26 -17.30 10.57
N LYS B 174 3.06 -17.61 11.88
CA LYS B 174 4.10 -17.83 12.86
C LYS B 174 4.95 -19.04 12.49
N ASP B 175 4.27 -20.11 12.14
CA ASP B 175 5.08 -21.33 11.78
C ASP B 175 5.71 -21.41 10.42
N SER B 176 5.63 -20.35 9.64
CA SER B 176 6.07 -20.19 8.27
C SER B 176 7.38 -19.52 8.09
N THR B 177 7.95 -18.98 9.12
CA THR B 177 9.22 -18.28 9.12
C THR B 177 9.97 -18.49 10.42
N ARG B 178 11.22 -18.10 10.40
CA ARG B 178 12.16 -18.12 11.50
C ARG B 178 12.18 -16.71 12.05
N ILE B 179 11.53 -15.76 11.37
CA ILE B 179 11.61 -14.31 11.80
C ILE B 179 10.68 -14.07 12.97
N ARG B 180 10.94 -13.25 13.99
CA ARG B 180 9.90 -13.07 15.06
C ARG B 180 8.80 -12.04 14.72
N ILE B 181 7.57 -12.47 14.53
CA ILE B 181 6.32 -11.78 14.17
C ILE B 181 5.85 -10.96 15.35
N THR B 182 5.26 -9.80 15.21
CA THR B 182 4.89 -8.96 16.36
C THR B 182 3.43 -8.55 16.13
N ASP B 183 2.71 -8.11 17.15
CA ASP B 183 1.30 -7.77 16.97
C ASP B 183 1.00 -6.67 15.93
N ASN B 184 2.01 -5.95 15.50
CA ASN B 184 1.94 -4.87 14.48
C ASN B 184 2.10 -5.51 13.11
N MET B 185 1.98 -6.84 13.01
CA MET B 185 2.18 -7.46 11.70
C MET B 185 0.95 -8.31 11.47
N PHE B 186 0.73 -8.60 10.20
CA PHE B 186 -0.30 -9.57 9.77
C PHE B 186 0.28 -10.20 8.48
N CYS B 187 -0.09 -11.44 8.17
CA CYS B 187 0.33 -12.10 6.90
C CYS B 187 -0.99 -12.45 6.19
N ALA B 188 -0.88 -12.54 4.88
CA ALA B 188 -1.92 -12.89 3.90
C ALA B 188 -1.39 -13.66 2.69
N GLY B 189 -2.16 -14.60 2.20
CA GLY B 189 -1.72 -15.36 0.96
C GLY B 189 -2.50 -16.63 0.93
N TYR B 190 -2.48 -17.36 -0.17
CA TYR B 190 -3.22 -18.64 -0.14
C TYR B 190 -2.24 -19.68 0.45
N LYS B 191 -2.74 -20.81 0.89
CA LYS B 191 -2.00 -21.95 1.43
C LYS B 191 -1.66 -22.76 0.15
N PRO B 192 -0.64 -23.57 0.20
CA PRO B 192 -0.28 -24.44 -0.93
C PRO B 192 -1.53 -25.24 -1.32
N ASP B 193 -2.32 -25.68 -0.35
CA ASP B 193 -3.48 -26.49 -0.74
C ASP B 193 -4.61 -25.78 -1.47
N GLU B 194 -4.78 -24.48 -1.22
CA GLU B 194 -5.87 -23.71 -1.80
C GLU B 194 -5.95 -23.59 -3.30
N GLY B 195 -4.84 -23.86 -4.01
CA GLY B 195 -4.81 -23.82 -5.46
C GLY B 195 -5.24 -22.51 -6.08
N LYS B 196 -4.86 -21.47 -5.40
CA LYS B 196 -5.02 -20.07 -5.89
C LYS B 196 -3.67 -19.46 -5.41
N ARG B 197 -3.06 -18.53 -6.12
CA ARG B 197 -1.80 -17.97 -5.62
C ARG B 197 -1.70 -16.45 -5.88
N GLY B 198 -0.59 -15.88 -5.51
CA GLY B 198 -0.27 -14.45 -5.73
C GLY B 198 0.30 -13.89 -4.45
N ASP B 199 1.09 -12.87 -4.57
CA ASP B 199 1.78 -12.18 -3.49
C ASP B 199 2.13 -10.85 -4.19
N ALA B 200 2.73 -10.03 -3.34
CA ALA B 200 3.34 -8.77 -3.61
C ALA B 200 4.80 -9.25 -3.90
N CYS B 201 5.62 -8.34 -4.35
CA CYS B 201 7.01 -8.74 -4.55
C CYS B 201 7.76 -7.41 -4.37
N GLU B 202 9.07 -7.56 -4.60
CA GLU B 202 9.94 -6.39 -4.65
C GLU B 202 9.35 -5.35 -5.61
N GLY B 203 9.44 -4.12 -5.19
CA GLY B 203 9.00 -2.94 -5.95
C GLY B 203 7.62 -2.55 -5.44
N ASP B 204 6.95 -3.53 -4.90
CA ASP B 204 5.62 -3.32 -4.24
C ASP B 204 5.58 -2.76 -2.82
N SER B 205 6.63 -2.71 -2.07
CA SER B 205 6.82 -2.23 -0.68
C SER B 205 6.12 -0.89 -0.54
N GLY B 206 5.58 -0.64 0.59
CA GLY B 206 4.89 0.58 0.89
C GLY B 206 3.53 0.58 0.25
N GLY B 207 3.14 -0.28 -0.63
CA GLY B 207 1.76 -0.16 -1.15
C GLY B 207 0.74 -0.54 -0.08
N PRO B 208 -0.50 -0.30 -0.49
CA PRO B 208 -1.69 -0.57 0.30
C PRO B 208 -2.28 -1.95 0.17
N PHE B 209 -2.76 -2.45 1.34
CA PHE B 209 -3.51 -3.74 1.47
C PHE B 209 -4.84 -3.15 2.04
N VAL B 210 -5.86 -3.03 1.23
CA VAL B 210 -7.07 -2.26 1.60
C VAL B 210 -8.27 -3.18 1.60
N MET B 211 -9.34 -2.80 2.30
CA MET B 211 -10.49 -3.75 2.32
C MET B 211 -11.73 -2.90 2.05
N LYS B 212 -12.79 -3.57 1.64
CA LYS B 212 -13.98 -2.67 1.39
C LYS B 212 -15.01 -2.95 2.50
N SER B 213 -15.52 -1.93 3.16
CA SER B 213 -16.47 -2.17 4.26
C SER B 213 -17.82 -2.57 3.73
N PRO B 214 -18.39 -3.68 4.27
CA PRO B 214 -19.76 -4.09 3.91
C PRO B 214 -20.86 -3.16 4.49
N PHE B 215 -20.51 -2.44 5.54
CA PHE B 215 -21.40 -1.54 6.27
C PHE B 215 -21.52 -0.12 5.68
N ASN B 216 -20.42 0.36 5.08
CA ASN B 216 -20.67 1.75 4.59
C ASN B 216 -20.17 1.86 3.17
N ASN B 217 -19.54 0.84 2.73
CA ASN B 217 -18.96 0.41 1.48
C ASN B 217 -17.90 1.30 0.92
N ARG B 218 -17.05 1.84 1.77
CA ARG B 218 -15.93 2.70 1.79
C ARG B 218 -14.66 1.88 1.73
N TRP B 219 -13.50 2.21 1.18
CA TRP B 219 -12.37 1.26 1.20
C TRP B 219 -11.41 1.73 2.34
N TYR B 220 -10.90 0.74 3.00
CA TYR B 220 -9.99 1.01 4.14
C TYR B 220 -8.65 0.39 3.93
N GLN B 221 -7.63 1.19 4.19
CA GLN B 221 -6.25 0.71 4.21
C GLN B 221 -5.93 -0.05 5.58
N MET B 222 -5.92 -1.36 5.56
CA MET B 222 -5.65 -2.21 6.71
C MET B 222 -4.19 -2.55 6.96
N GLY B 223 -3.38 -2.52 5.89
CA GLY B 223 -1.96 -2.93 6.01
C GLY B 223 -1.07 -2.18 4.98
N ILE B 224 0.22 -2.21 5.24
CA ILE B 224 1.24 -1.65 4.35
C ILE B 224 2.10 -2.81 3.88
N VAL B 225 2.54 -2.95 2.66
CA VAL B 225 3.46 -3.99 2.18
C VAL B 225 4.82 -3.83 2.83
N SER B 226 5.27 -4.93 3.44
CA SER B 226 6.50 -4.97 4.21
C SER B 226 7.58 -5.96 3.98
N TRP B 227 7.39 -7.21 4.27
CA TRP B 227 8.40 -8.25 4.06
C TRP B 227 7.71 -9.54 3.70
N GLY B 228 8.51 -10.44 3.16
CA GLY B 228 8.18 -11.79 2.72
C GLY B 228 9.45 -12.45 2.24
N GLU B 229 9.41 -13.76 2.21
CA GLU B 229 10.68 -14.52 1.73
C GLU B 229 10.34 -14.98 0.34
N GLY B 230 11.03 -14.39 -0.61
CA GLY B 230 10.73 -14.73 -2.05
C GLY B 230 9.40 -14.00 -2.32
N CYS B 231 8.76 -14.39 -3.39
CA CYS B 231 7.47 -13.83 -3.83
C CYS B 231 6.60 -15.02 -4.20
N ASP B 232 5.47 -15.28 -3.72
CA ASP B 232 4.67 -16.43 -4.06
C ASP B 232 5.31 -17.79 -3.75
N ARG B 233 6.08 -18.01 -2.68
CA ARG B 233 6.63 -19.40 -2.52
C ARG B 233 5.53 -20.27 -1.96
N ASP B 234 5.41 -21.56 -2.24
CA ASP B 234 4.34 -22.39 -1.62
C ASP B 234 4.73 -22.43 -0.11
N GLY B 235 3.76 -22.33 0.75
CA GLY B 235 4.02 -22.42 2.23
C GLY B 235 4.63 -21.20 2.90
N LYS B 236 4.62 -20.03 2.31
CA LYS B 236 5.12 -18.75 2.77
C LYS B 236 4.06 -17.68 2.46
N TYR B 237 3.94 -16.61 3.26
CA TYR B 237 3.04 -15.53 3.30
C TYR B 237 3.77 -14.19 3.40
N GLY B 238 2.97 -13.26 2.93
CA GLY B 238 3.49 -11.84 2.86
C GLY B 238 3.00 -11.22 4.18
N PHE B 239 3.94 -10.37 4.58
CA PHE B 239 3.72 -9.70 5.88
C PHE B 239 3.50 -8.21 5.66
N TYR B 240 2.49 -7.71 6.35
CA TYR B 240 2.17 -6.31 6.26
C TYR B 240 2.14 -5.62 7.62
N THR B 241 2.43 -4.36 7.59
CA THR B 241 2.34 -3.50 8.77
C THR B 241 0.89 -3.36 9.14
N HIS B 242 0.49 -3.65 10.36
CA HIS B 242 -0.97 -3.50 10.80
C HIS B 242 -1.30 -2.06 11.07
N VAL B 243 -1.91 -1.41 10.11
CA VAL B 243 -2.19 0.05 10.12
C VAL B 243 -3.04 0.47 11.29
N PHE B 244 -4.06 -0.26 11.69
CA PHE B 244 -4.89 0.17 12.85
C PHE B 244 -4.07 0.20 14.13
N ARG B 245 -3.21 -0.79 14.34
CA ARG B 245 -2.36 -0.70 15.53
C ARG B 245 -1.42 0.50 15.53
N LEU B 246 -1.01 1.18 14.44
CA LEU B 246 -0.05 2.28 14.52
C LEU B 246 -0.74 3.61 14.31
N LYS B 247 -2.04 3.46 14.32
CA LYS B 247 -3.07 4.47 14.12
C LYS B 247 -2.92 5.73 14.93
N LYS B 248 -2.64 5.58 16.21
CA LYS B 248 -2.46 6.72 17.11
C LYS B 248 -1.11 7.36 16.83
N TRP B 249 -0.08 6.68 16.37
CA TRP B 249 1.15 7.43 16.05
C TRP B 249 0.87 8.40 14.88
N ILE B 250 0.03 7.92 13.99
CA ILE B 250 -0.45 8.53 12.77
C ILE B 250 -1.14 9.84 13.11
N GLN B 251 -2.14 9.90 13.89
CA GLN B 251 -2.91 11.02 14.37
C GLN B 251 -1.95 11.94 15.14
N LYS B 252 -1.06 11.43 15.98
CA LYS B 252 -0.08 12.31 16.64
C LYS B 252 0.68 13.22 15.65
N VAL B 253 1.40 12.66 14.68
CA VAL B 253 2.17 13.45 13.71
C VAL B 253 1.42 14.51 12.88
N ILE B 254 0.24 14.08 12.50
CA ILE B 254 -0.62 14.91 11.65
C ILE B 254 -1.15 16.08 12.47
N ASP B 255 -1.43 15.72 13.70
CA ASP B 255 -1.90 16.75 14.69
C ASP B 255 -0.61 17.50 15.09
N GLN B 256 0.33 16.74 15.66
CA GLN B 256 1.58 17.45 15.99
C GLN B 256 2.08 18.19 14.77
N PHE B 257 1.89 17.72 13.53
CA PHE B 257 2.60 18.54 12.51
C PHE B 257 1.84 19.00 11.33
N GLY B 258 0.69 18.44 11.03
CA GLY B 258 0.06 18.92 9.79
C GLY B 258 -1.37 19.30 9.65
N GLU B 259 -1.72 19.25 8.33
CA GLU B 259 -3.09 19.69 7.98
C GLU B 259 -3.32 21.14 8.49
N PHE C 7 12.13 4.37 -18.56
CA PHE C 7 11.28 5.32 -17.83
C PHE C 7 10.99 6.58 -18.63
N GLU C 8 9.79 6.91 -19.09
CA GLU C 8 9.69 8.16 -19.88
C GLU C 8 10.14 9.33 -19.05
N GLY C 9 10.58 10.41 -19.64
CA GLY C 9 11.12 11.65 -19.12
C GLY C 9 10.10 12.53 -18.41
N ILE C 10 10.36 12.96 -17.19
CA ILE C 10 9.43 13.84 -16.46
C ILE C 10 9.85 15.31 -16.63
N PRO C 11 8.86 16.21 -16.75
CA PRO C 11 9.12 17.66 -16.87
C PRO C 11 10.00 18.21 -15.75
N GLY C 12 11.10 18.87 -16.08
CA GLY C 12 12.06 19.50 -15.17
C GLY C 12 11.50 20.57 -14.24
N GLU C 13 10.33 21.09 -14.51
CA GLU C 13 9.69 22.08 -13.61
C GLU C 13 9.76 21.38 -12.25
#